data_8QSA
#
_entry.id   8QSA
#
_cell.length_a   62.253
_cell.length_b   149.416
_cell.length_c   76.762
_cell.angle_alpha   90.00
_cell.angle_beta   90.00
_cell.angle_gamma   90.00
#
_symmetry.space_group_name_H-M   'C 2 2 2'
#
loop_
_entity.id
_entity.type
_entity.pdbx_description
1 polymer '14-3-3 protein sigma'
2 polymer 'C-RAF peptide'
3 non-polymer 'CHLORIDE ION'
4 non-polymer 'MAGNESIUM ION'
5 non-polymer 1-[(5~{R})-2-(4-bromanyl-3-fluoranyl-phenyl)sulfonyl-2,7-diazaspiro[4.4]nonan-7-yl]-2-chloranyl-ethanone
6 water water
#
loop_
_entity_poly.entity_id
_entity_poly.type
_entity_poly.pdbx_seq_one_letter_code
_entity_poly.pdbx_strand_id
1 'polypeptide(L)'
;GAMGSMERASLIQKAKLAEQAERYEDMAAFMKGAVEKGEELSCEERNLLSVAYKNVVGGQRAAWRVLSSIEQKSNEEGSE
EKGPEVREYREKVETELQGVCDTVLGLLDSHLIKEAGDAESRVFYLKMKGDYYRYLAEVATGDDKKRIIDSARSAYQEAM
DISKKEMPPTNPIRLGLALNFSVFHYEIANSPEEAISLAKTTFDEAMADLHTLSEDSYKDSTLIMQLLRDNLTLWT
;
A
2 'polypeptide(L)' QRST(SEP)TPNVH P
#
loop_
_chem_comp.id
_chem_comp.type
_chem_comp.name
_chem_comp.formula
CL non-polymer 'CHLORIDE ION' 'Cl -1'
MG non-polymer 'MAGNESIUM ION' 'Mg 2'
WQ9 non-polymer 1-[(5~{R})-2-(4-bromanyl-3-fluoranyl-phenyl)sulfonyl-2,7-diazaspiro[4.4]nonan-7-yl]-2-chloranyl-ethanone 'C15 H17 Br Cl F N2 O3 S'
#
# COMPACT_ATOMS: atom_id res chain seq x y z
N GLY A 1 -9.05 19.65 7.36
CA GLY A 1 -9.68 20.90 7.79
C GLY A 1 -9.63 21.93 6.69
N ALA A 2 -8.48 22.01 6.02
CA ALA A 2 -8.30 22.91 4.89
C ALA A 2 -9.31 22.66 3.77
N MET A 3 -9.88 21.47 3.70
CA MET A 3 -10.76 21.13 2.60
C MET A 3 -12.24 21.20 3.02
N GLY A 4 -12.51 21.60 4.26
CA GLY A 4 -13.86 21.48 4.80
C GLY A 4 -14.90 22.32 4.11
N SER A 5 -14.49 23.43 3.47
CA SER A 5 -15.48 24.29 2.82
C SER A 5 -15.84 23.81 1.41
N MET A 6 -15.07 22.88 0.83
CA MET A 6 -15.34 22.40 -0.52
C MET A 6 -16.32 21.24 -0.57
N GLU A 7 -17.17 21.25 -1.59
CA GLU A 7 -18.11 20.17 -1.77
C GLU A 7 -17.38 18.88 -2.11
N ARG A 8 -17.92 17.76 -1.62
CA ARG A 8 -17.34 16.45 -1.91
C ARG A 8 -17.10 16.26 -3.41
N ALA A 9 -18.10 16.56 -4.24
CA ALA A 9 -17.95 16.30 -5.68
C ALA A 9 -16.82 17.13 -6.28
N SER A 10 -16.64 18.36 -5.79
CA SER A 10 -15.57 19.21 -6.28
C SER A 10 -14.21 18.70 -5.85
N LEU A 11 -14.13 18.11 -4.65
CA LEU A 11 -12.87 17.50 -4.21
C LEU A 11 -12.48 16.33 -5.08
N ILE A 12 -13.46 15.47 -5.40
CA ILE A 12 -13.20 14.36 -6.32
C ILE A 12 -12.73 14.88 -7.67
N GLN A 13 -13.45 15.83 -8.22
CA GLN A 13 -13.09 16.42 -9.51
C GLN A 13 -11.67 16.96 -9.48
N LYS A 14 -11.32 17.69 -8.41
CA LYS A 14 -10.00 18.27 -8.31
C LYS A 14 -8.92 17.20 -8.10
N ALA A 15 -9.25 16.10 -7.42
CA ALA A 15 -8.29 15.02 -7.30
C ALA A 15 -7.97 14.45 -8.68
N LYS A 16 -8.97 14.34 -9.55
CA LYS A 16 -8.72 13.83 -10.89
C LYS A 16 -7.86 14.79 -11.71
N LEU A 17 -8.10 16.10 -11.56
CA LEU A 17 -7.27 17.09 -12.25
C LEU A 17 -5.83 17.05 -11.74
N ALA A 18 -5.66 16.89 -10.44
CA ALA A 18 -4.32 16.83 -9.87
C ALA A 18 -3.58 15.59 -10.35
N GLU A 19 -4.29 14.46 -10.48
CA GLU A 19 -3.68 13.27 -11.09
C GLU A 19 -3.20 13.57 -12.50
N GLN A 20 -4.05 14.24 -13.30
CA GLN A 20 -3.65 14.58 -14.67
C GLN A 20 -2.43 15.49 -14.69
N ALA A 21 -2.32 16.39 -13.72
CA ALA A 21 -1.24 17.33 -13.64
C ALA A 21 -0.02 16.76 -12.91
N GLU A 22 -0.08 15.51 -12.47
CA GLU A 22 1.00 14.87 -11.71
C GLU A 22 1.31 15.67 -10.44
N ARG A 23 0.27 16.23 -9.83
CA ARG A 23 0.37 16.94 -8.56
C ARG A 23 -0.16 16.03 -7.45
N TYR A 24 0.67 15.08 -7.03
CA TYR A 24 0.13 14.02 -6.19
C TYR A 24 -0.08 14.45 -4.76
N GLU A 25 0.71 15.41 -4.28
CA GLU A 25 0.46 15.93 -2.94
C GLU A 25 -0.88 16.65 -2.88
N ASP A 26 -1.20 17.45 -3.90
CA ASP A 26 -2.53 18.06 -3.98
C ASP A 26 -3.59 16.98 -4.10
N MET A 27 -3.35 15.98 -4.93
CA MET A 27 -4.42 15.00 -5.11
C MET A 27 -4.65 14.21 -3.82
N ALA A 28 -3.61 13.98 -3.03
CA ALA A 28 -3.84 13.34 -1.73
C ALA A 28 -4.61 14.25 -0.78
N ALA A 29 -4.30 15.55 -0.80
CA ALA A 29 -5.04 16.48 0.07
C ALA A 29 -6.51 16.53 -0.31
N PHE A 30 -6.80 16.53 -1.63
CA PHE A 30 -8.19 16.55 -2.07
C PHE A 30 -8.92 15.29 -1.64
N MET A 31 -8.27 14.14 -1.78
CA MET A 31 -8.92 12.88 -1.41
C MET A 31 -9.08 12.75 0.09
N LYS A 32 -8.10 13.25 0.86
CA LYS A 32 -8.30 13.30 2.32
C LYS A 32 -9.53 14.13 2.66
N GLY A 33 -9.69 15.28 2.00
CA GLY A 33 -10.88 16.09 2.23
C GLY A 33 -12.15 15.35 1.86
N ALA A 34 -12.10 14.58 0.76
CA ALA A 34 -13.29 13.84 0.38
C ALA A 34 -13.60 12.77 1.43
N VAL A 35 -12.57 12.06 1.89
CA VAL A 35 -12.80 11.02 2.89
C VAL A 35 -13.45 11.63 4.14
N GLU A 36 -13.01 12.83 4.50
CA GLU A 36 -13.47 13.48 5.72
C GLU A 36 -14.92 13.93 5.64
N LYS A 37 -15.54 13.90 4.45
CA LYS A 37 -16.97 14.14 4.39
C LYS A 37 -17.77 13.02 5.05
N GLY A 38 -17.15 11.87 5.29
CA GLY A 38 -17.81 10.82 6.04
C GLY A 38 -18.68 9.89 5.23
N GLU A 39 -18.65 9.98 3.90
CA GLU A 39 -19.35 9.03 3.05
C GLU A 39 -18.39 7.98 2.52
N GLU A 40 -18.95 6.83 2.14
CA GLU A 40 -18.11 5.76 1.63
C GLU A 40 -17.46 6.20 0.34
N LEU A 41 -16.36 5.55 -0.01
CA LEU A 41 -15.70 5.79 -1.28
C LEU A 41 -16.00 4.67 -2.25
N SER A 42 -16.31 5.03 -3.49
CA SER A 42 -16.50 4.03 -4.53
C SER A 42 -15.16 3.36 -4.82
N CYS A 43 -15.18 2.25 -5.72
CA CYS A 43 -13.94 1.65 -6.22
C CYS A 43 -13.09 2.66 -6.98
N GLU A 44 -13.72 3.55 -7.91
CA GLU A 44 -12.99 4.64 -8.59
C GLU A 44 -12.30 5.56 -7.61
N GLU A 45 -13.04 5.89 -6.55
CA GLU A 45 -12.53 6.89 -5.61
C GLU A 45 -11.43 6.30 -4.72
N ARG A 46 -11.58 5.04 -4.32
CA ARG A 46 -10.50 4.38 -3.61
C ARG A 46 -9.24 4.35 -4.45
N ASN A 47 -9.37 4.19 -5.76
CA ASN A 47 -8.19 4.23 -6.61
C ASN A 47 -7.53 5.59 -6.54
N LEU A 48 -8.33 6.67 -6.54
CA LEU A 48 -7.73 8.00 -6.46
C LEU A 48 -6.97 8.17 -5.16
N LEU A 49 -7.60 7.75 -4.04
CA LEU A 49 -6.95 7.83 -2.74
C LEU A 49 -5.65 7.03 -2.76
N SER A 50 -5.71 5.81 -3.29
CA SER A 50 -4.55 4.94 -3.32
C SER A 50 -3.42 5.53 -4.15
N VAL A 51 -3.74 5.96 -5.37
CA VAL A 51 -2.72 6.50 -6.27
C VAL A 51 -2.03 7.72 -5.67
N ALA A 52 -2.82 8.62 -5.07
CA ALA A 52 -2.24 9.85 -4.54
C ALA A 52 -1.24 9.55 -3.42
N TYR A 53 -1.68 8.82 -2.40
CA TYR A 53 -0.80 8.59 -1.26
C TYR A 53 0.36 7.68 -1.60
N LYS A 54 0.15 6.72 -2.52
CA LYS A 54 1.27 5.84 -2.90
C LYS A 54 2.35 6.62 -3.62
N ASN A 55 1.96 7.56 -4.49
CA ASN A 55 2.94 8.44 -5.13
C ASN A 55 3.70 9.28 -4.12
N VAL A 56 2.99 9.87 -3.16
CA VAL A 56 3.63 10.72 -2.17
C VAL A 56 4.62 9.91 -1.34
N VAL A 57 4.15 8.82 -0.75
CA VAL A 57 5.03 8.04 0.11
C VAL A 57 6.08 7.32 -0.72
N GLY A 58 5.78 7.00 -1.98
CA GLY A 58 6.77 6.37 -2.84
C GLY A 58 7.98 7.25 -3.06
N GLY A 59 7.75 8.55 -3.28
CA GLY A 59 8.87 9.45 -3.45
C GLY A 59 9.66 9.59 -2.16
N GLN A 60 8.96 9.59 -1.02
CA GLN A 60 9.65 9.66 0.26
C GLN A 60 10.46 8.41 0.53
N ARG A 61 9.90 7.22 0.23
CA ARG A 61 10.67 5.99 0.41
C ARG A 61 11.90 5.98 -0.48
N ALA A 62 11.73 6.38 -1.74
CA ALA A 62 12.87 6.41 -2.65
C ALA A 62 13.95 7.35 -2.13
N ALA A 63 13.57 8.52 -1.64
CA ALA A 63 14.54 9.46 -1.07
C ALA A 63 15.19 8.89 0.17
N TRP A 64 14.38 8.32 1.07
CA TRP A 64 14.91 7.73 2.29
C TRP A 64 15.94 6.65 1.97
N ARG A 65 15.67 5.82 0.95
CA ARG A 65 16.60 4.77 0.58
C ARG A 65 17.91 5.32 0.05
N VAL A 66 17.85 6.39 -0.75
CA VAL A 66 19.08 7.03 -1.21
C VAL A 66 19.89 7.52 -0.02
N LEU A 67 19.24 8.27 0.88
CA LEU A 67 19.97 8.86 1.99
C LEU A 67 20.48 7.80 2.95
N SER A 68 19.69 6.75 3.18
CA SER A 68 20.14 5.69 4.08
C SER A 68 21.37 4.98 3.52
N SER A 69 21.39 4.75 2.21
CA SER A 69 22.56 4.11 1.60
C SER A 69 23.80 4.99 1.75
N ILE A 70 23.66 6.30 1.54
CA ILE A 70 24.77 7.22 1.74
C ILE A 70 25.22 7.20 3.19
N GLU A 71 24.25 7.16 4.12
CA GLU A 71 24.55 7.11 5.54
C GLU A 71 25.30 5.85 5.90
N GLN A 72 24.90 4.71 5.33
CA GLN A 72 25.59 3.46 5.67
C GLN A 72 26.98 3.39 5.05
N LYS A 73 27.15 3.94 3.85
CA LYS A 73 28.48 3.97 3.24
C LYS A 73 29.44 4.84 4.05
N SER A 74 28.95 5.95 4.59
CA SER A 74 29.77 6.84 5.41
C SER A 74 30.02 6.29 6.82
N ASN A 75 29.42 5.16 7.17
CA ASN A 75 29.70 4.49 8.44
C ASN A 75 30.55 3.25 8.27
N GLU A 76 30.97 2.93 7.05
CA GLU A 76 31.74 1.71 6.78
C GLU A 76 33.23 2.02 6.64
N LYS A 82 32.29 12.94 7.66
CA LYS A 82 31.95 12.34 8.94
C LYS A 82 31.18 13.31 9.83
N GLY A 83 30.41 14.21 9.23
CA GLY A 83 29.57 15.13 9.96
C GLY A 83 28.19 14.57 10.21
N PRO A 84 27.34 15.34 10.90
CA PRO A 84 25.98 14.86 11.17
C PRO A 84 25.00 15.09 10.03
N GLU A 85 25.41 15.72 8.92
CA GLU A 85 24.45 16.21 7.94
C GLU A 85 23.66 15.09 7.27
N VAL A 86 24.31 13.98 6.88
CA VAL A 86 23.57 12.91 6.22
C VAL A 86 22.51 12.34 7.15
N ARG A 87 22.88 12.07 8.42
CA ARG A 87 21.91 11.52 9.35
C ARG A 87 20.78 12.52 9.61
N GLU A 88 21.13 13.79 9.82
CA GLU A 88 20.09 14.80 10.07
C GLU A 88 19.11 14.87 8.92
N TYR A 89 19.60 14.85 7.68
CA TYR A 89 18.70 14.96 6.55
C TYR A 89 17.91 13.66 6.34
N ARG A 90 18.54 12.51 6.58
CA ARG A 90 17.78 11.25 6.52
C ARG A 90 16.67 11.25 7.57
N GLU A 91 16.97 11.75 8.77
CA GLU A 91 15.95 11.83 9.83
C GLU A 91 14.83 12.78 9.43
N LYS A 92 15.16 13.88 8.73
CA LYS A 92 14.17 14.80 8.21
C LYS A 92 13.18 14.11 7.28
N VAL A 93 13.71 13.44 6.27
CA VAL A 93 12.86 12.75 5.30
C VAL A 93 12.07 11.63 5.98
N GLU A 94 12.71 10.92 6.90
CA GLU A 94 12.05 9.86 7.65
C GLU A 94 10.86 10.41 8.43
N THR A 95 11.03 11.55 9.09
CA THR A 95 9.94 12.10 9.88
C THR A 95 8.75 12.48 9.00
N GLU A 96 9.04 13.03 7.82
CA GLU A 96 7.99 13.36 6.87
C GLU A 96 7.27 12.11 6.38
N LEU A 97 8.03 11.04 6.12
CA LEU A 97 7.43 9.80 5.65
C LEU A 97 6.51 9.21 6.71
N GLN A 98 6.98 9.16 7.96
CA GLN A 98 6.16 8.67 9.05
C GLN A 98 4.89 9.51 9.20
N GLY A 99 4.99 10.83 8.99
CA GLY A 99 3.81 11.67 9.10
C GLY A 99 2.76 11.34 8.06
N VAL A 100 3.21 11.04 6.83
CA VAL A 100 2.28 10.68 5.78
C VAL A 100 1.64 9.32 6.10
N CYS A 101 2.44 8.36 6.56
CA CYS A 101 1.87 7.07 6.94
C CYS A 101 0.90 7.21 8.11
N ASP A 102 1.22 8.09 9.05
CA ASP A 102 0.33 8.33 10.18
C ASP A 102 -0.98 8.94 9.71
N THR A 103 -0.89 9.84 8.73
CA THR A 103 -2.10 10.44 8.16
C THR A 103 -2.98 9.40 7.49
N VAL A 104 -2.39 8.52 6.69
CA VAL A 104 -3.15 7.51 5.99
C VAL A 104 -3.78 6.53 6.99
N LEU A 105 -2.97 6.05 7.94
CA LEU A 105 -3.49 5.12 8.94
C LEU A 105 -4.59 5.76 9.79
N GLY A 106 -4.47 7.06 10.06
CA GLY A 106 -5.52 7.74 10.78
C GLY A 106 -6.82 7.81 9.99
N LEU A 107 -6.74 8.07 8.68
CA LEU A 107 -7.94 8.08 7.85
C LEU A 107 -8.57 6.69 7.80
N LEU A 108 -7.74 5.65 7.67
CA LEU A 108 -8.27 4.29 7.67
C LEU A 108 -9.03 4.00 8.96
N ASP A 109 -8.42 4.32 10.10
CA ASP A 109 -9.03 4.01 11.40
C ASP A 109 -10.25 4.89 11.68
N SER A 110 -10.16 6.18 11.34
CA SER A 110 -11.23 7.11 11.70
C SER A 110 -12.41 7.04 10.75
N HIS A 111 -12.18 6.71 9.48
CA HIS A 111 -13.23 6.92 8.50
C HIS A 111 -13.53 5.71 7.62
N LEU A 112 -12.52 4.94 7.25
CA LEU A 112 -12.66 4.04 6.10
C LEU A 112 -12.87 2.58 6.47
N ILE A 113 -12.20 2.06 7.50
CA ILE A 113 -12.31 0.66 7.86
C ILE A 113 -13.61 0.46 8.64
N LYS A 114 -14.52 -0.34 8.08
CA LYS A 114 -15.83 -0.56 8.69
C LYS A 114 -16.15 -2.05 8.70
N GLU A 115 -17.12 -2.42 9.54
CA GLU A 115 -17.62 -3.78 9.54
C GLU A 115 -18.46 -4.05 8.29
N ALA A 116 -19.24 -3.07 7.85
CA ALA A 116 -20.10 -3.21 6.69
C ALA A 116 -19.32 -2.91 5.42
N GLY A 117 -20.03 -2.88 4.28
CA GLY A 117 -19.42 -2.67 3.00
C GLY A 117 -19.18 -3.97 2.27
N ASP A 118 -18.98 -3.87 0.96
CA ASP A 118 -18.69 -5.05 0.18
C ASP A 118 -17.28 -5.55 0.47
N ALA A 119 -16.98 -6.75 -0.02
CA ALA A 119 -15.68 -7.37 0.26
C ALA A 119 -14.54 -6.54 -0.31
N GLU A 120 -14.70 -6.00 -1.52
CA GLU A 120 -13.67 -5.17 -2.13
C GLU A 120 -13.21 -4.06 -1.20
N SER A 121 -14.17 -3.31 -0.65
CA SER A 121 -13.80 -2.19 0.20
C SER A 121 -13.10 -2.66 1.46
N ARG A 122 -13.67 -3.67 2.13
CA ARG A 122 -13.06 -4.11 3.37
C ARG A 122 -11.66 -4.67 3.13
N VAL A 123 -11.50 -5.49 2.10
CA VAL A 123 -10.18 -6.04 1.81
C VAL A 123 -9.23 -4.91 1.40
N PHE A 124 -9.72 -3.99 0.58
CA PHE A 124 -8.81 -2.95 0.11
C PHE A 124 -8.27 -2.10 1.26
N TYR A 125 -9.14 -1.69 2.20
CA TYR A 125 -8.67 -0.82 3.27
C TYR A 125 -7.76 -1.56 4.24
N LEU A 126 -8.05 -2.83 4.51
CA LEU A 126 -7.18 -3.59 5.39
C LEU A 126 -5.83 -3.85 4.73
N LYS A 127 -5.84 -4.11 3.42
CA LYS A 127 -4.59 -4.14 2.66
C LYS A 127 -3.84 -2.82 2.78
N MET A 128 -4.55 -1.70 2.59
CA MET A 128 -3.89 -0.39 2.74
C MET A 128 -3.26 -0.25 4.12
N LYS A 129 -3.99 -0.66 5.16
CA LYS A 129 -3.43 -0.55 6.50
C LYS A 129 -2.15 -1.39 6.62
N GLY A 130 -2.17 -2.60 6.08
CA GLY A 130 -0.96 -3.41 6.09
C GLY A 130 0.19 -2.73 5.36
N ASP A 131 -0.10 -2.11 4.21
CA ASP A 131 0.95 -1.46 3.42
C ASP A 131 1.59 -0.31 4.20
N TYR A 132 0.78 0.55 4.82
CA TYR A 132 1.36 1.75 5.41
C TYR A 132 2.03 1.45 6.74
N TYR A 133 1.60 0.40 7.44
CA TYR A 133 2.40 -0.11 8.55
C TYR A 133 3.71 -0.70 8.03
N ARG A 134 3.66 -1.39 6.89
CA ARG A 134 4.89 -1.93 6.31
C ARG A 134 5.87 -0.81 5.96
N TYR A 135 5.36 0.31 5.42
CA TYR A 135 6.25 1.42 5.11
C TYR A 135 6.85 2.00 6.39
N LEU A 136 6.06 2.08 7.46
CA LEU A 136 6.63 2.50 8.74
C LEU A 136 7.67 1.50 9.23
N ALA A 137 7.46 0.22 8.97
CA ALA A 137 8.41 -0.80 9.42
C ALA A 137 9.72 -0.71 8.66
N GLU A 138 9.69 -0.21 7.41
CA GLU A 138 10.93 -0.06 6.65
C GLU A 138 11.90 0.89 7.32
N VAL A 139 11.41 1.84 8.12
CA VAL A 139 12.26 2.85 8.73
C VAL A 139 12.26 2.78 10.26
N ALA A 140 11.64 1.76 10.84
CA ALA A 140 11.56 1.67 12.29
C ALA A 140 12.79 0.98 12.89
N THR A 141 12.97 1.16 14.20
CA THR A 141 14.08 0.52 14.91
C THR A 141 13.69 -0.11 16.24
N GLY A 142 13.30 0.70 17.22
CA GLY A 142 13.23 0.24 18.61
C GLY A 142 11.98 -0.50 19.03
N ASP A 143 11.48 -0.20 20.24
CA ASP A 143 10.23 -0.78 20.70
C ASP A 143 9.09 -0.49 19.73
N ASP A 144 9.19 0.61 18.99
CA ASP A 144 8.18 0.91 17.98
C ASP A 144 8.13 -0.17 16.91
N LYS A 145 9.29 -0.73 16.55
CA LYS A 145 9.37 -1.60 15.38
C LYS A 145 8.59 -2.89 15.58
N LYS A 146 8.66 -3.47 16.79
CA LYS A 146 7.88 -4.66 17.07
C LYS A 146 6.38 -4.36 16.94
N ARG A 147 5.93 -3.28 17.58
CA ARG A 147 4.52 -2.89 17.51
C ARG A 147 4.07 -2.74 16.05
N ILE A 148 4.88 -2.07 15.22
CA ILE A 148 4.50 -1.81 13.84
C ILE A 148 4.43 -3.11 13.03
N ILE A 149 5.44 -3.98 13.19
CA ILE A 149 5.47 -5.20 12.39
C ILE A 149 4.26 -6.09 12.69
N ASP A 150 3.89 -6.21 13.96
CA ASP A 150 2.70 -7.01 14.29
C ASP A 150 1.43 -6.34 13.78
N SER A 151 1.39 -5.01 13.76
CA SER A 151 0.20 -4.32 13.25
C SER A 151 0.02 -4.57 11.76
N ALA A 152 1.12 -4.51 11.00
CA ALA A 152 1.06 -4.83 9.57
C ALA A 152 0.57 -6.25 9.35
N ARG A 153 1.17 -7.22 10.03
CA ARG A 153 0.79 -8.61 9.82
C ARG A 153 -0.69 -8.83 10.14
N SER A 154 -1.17 -8.27 11.26
CA SER A 154 -2.57 -8.49 11.64
C SER A 154 -3.52 -7.91 10.59
N ALA A 155 -3.19 -6.74 10.05
CA ALA A 155 -4.05 -6.13 9.04
C ALA A 155 -4.04 -6.96 7.76
N TYR A 156 -2.85 -7.40 7.33
CA TYR A 156 -2.78 -8.26 6.15
C TYR A 156 -3.54 -9.55 6.37
N GLN A 157 -3.38 -10.15 7.54
CA GLN A 157 -4.03 -11.44 7.80
C GLN A 157 -5.54 -11.29 7.79
N GLU A 158 -6.08 -10.22 8.39
CA GLU A 158 -7.52 -10.06 8.35
C GLU A 158 -8.00 -9.87 6.92
N ALA A 159 -7.22 -9.12 6.12
CA ALA A 159 -7.58 -8.93 4.71
C ALA A 159 -7.53 -10.25 3.95
N MET A 160 -6.53 -11.09 4.21
CA MET A 160 -6.47 -12.40 3.53
C MET A 160 -7.65 -13.29 3.91
N ASP A 161 -8.00 -13.37 5.19
CA ASP A 161 -9.14 -14.20 5.59
C ASP A 161 -10.40 -13.80 4.84
N ILE A 162 -10.65 -12.49 4.72
CA ILE A 162 -11.84 -12.03 4.02
C ILE A 162 -11.73 -12.32 2.53
N SER A 163 -10.58 -12.04 1.91
CA SER A 163 -10.46 -12.23 0.48
C SER A 163 -10.63 -13.69 0.06
N LYS A 164 -10.19 -14.63 0.90
CA LYS A 164 -10.29 -16.03 0.52
C LYS A 164 -11.71 -16.54 0.62
N LYS A 165 -12.53 -15.91 1.47
CA LYS A 165 -13.90 -16.34 1.71
C LYS A 165 -14.90 -15.65 0.78
N GLU A 166 -14.58 -14.43 0.35
CA GLU A 166 -15.51 -13.52 -0.30
C GLU A 166 -15.17 -13.23 -1.76
N MET A 167 -13.97 -13.61 -2.22
CA MET A 167 -13.47 -13.13 -3.50
C MET A 167 -12.94 -14.29 -4.33
N PRO A 168 -13.10 -14.25 -5.67
CA PRO A 168 -12.47 -15.27 -6.50
C PRO A 168 -10.96 -15.15 -6.43
N PRO A 169 -10.25 -16.25 -6.67
CA PRO A 169 -8.78 -16.21 -6.56
C PRO A 169 -8.09 -15.39 -7.64
N THR A 170 -8.80 -14.91 -8.67
CA THR A 170 -8.21 -13.95 -9.62
C THR A 170 -8.56 -12.51 -9.31
N ASN A 171 -9.34 -12.25 -8.27
CA ASN A 171 -9.73 -10.87 -8.00
C ASN A 171 -8.48 -10.01 -7.81
N PRO A 172 -8.36 -8.87 -8.51
CA PRO A 172 -7.11 -8.09 -8.46
C PRO A 172 -6.77 -7.54 -7.09
N ILE A 173 -7.76 -7.19 -6.28
CA ILE A 173 -7.48 -6.75 -4.91
C ILE A 173 -6.97 -7.92 -4.08
N ARG A 174 -7.58 -9.10 -4.23
CA ARG A 174 -7.07 -10.28 -3.54
C ARG A 174 -5.64 -10.59 -3.98
N LEU A 175 -5.39 -10.52 -5.28
CA LEU A 175 -4.05 -10.78 -5.79
C LEU A 175 -3.05 -9.73 -5.27
N GLY A 176 -3.39 -8.45 -5.40
CA GLY A 176 -2.47 -7.40 -4.95
C GLY A 176 -2.18 -7.49 -3.46
N LEU A 177 -3.21 -7.81 -2.67
CA LEU A 177 -3.00 -8.05 -1.24
C LEU A 177 -2.02 -9.19 -1.00
N ALA A 178 -2.22 -10.34 -1.67
CA ALA A 178 -1.31 -11.46 -1.46
C ALA A 178 0.10 -11.12 -1.93
N LEU A 179 0.22 -10.46 -3.07
CA LEU A 179 1.53 -9.99 -3.51
C LEU A 179 2.18 -9.14 -2.42
N ASN A 180 1.44 -8.18 -1.86
CA ASN A 180 2.04 -7.27 -0.89
C ASN A 180 2.34 -7.97 0.43
N PHE A 181 1.45 -8.89 0.84
CA PHE A 181 1.73 -9.70 2.02
C PHE A 181 3.00 -10.52 1.84
N SER A 182 3.22 -11.07 0.63
CA SER A 182 4.42 -11.87 0.43
C SER A 182 5.66 -11.00 0.47
N VAL A 183 5.58 -9.77 -0.04
CA VAL A 183 6.70 -8.83 0.11
C VAL A 183 6.97 -8.55 1.57
N PHE A 184 5.91 -8.34 2.36
CA PHE A 184 6.05 -8.21 3.81
C PHE A 184 6.83 -9.38 4.40
N HIS A 185 6.41 -10.60 4.08
CA HIS A 185 7.10 -11.78 4.60
C HIS A 185 8.58 -11.77 4.23
N TYR A 186 8.88 -11.45 2.97
CA TYR A 186 10.26 -11.56 2.50
C TYR A 186 11.12 -10.42 3.02
N GLU A 187 10.64 -9.19 2.91
CA GLU A 187 11.47 -8.01 3.14
C GLU A 187 11.40 -7.51 4.58
N ILE A 188 10.28 -7.70 5.26
CA ILE A 188 10.06 -7.15 6.59
C ILE A 188 10.18 -8.21 7.67
N ALA A 189 9.47 -9.33 7.51
CA ALA A 189 9.39 -10.35 8.53
C ALA A 189 10.54 -11.35 8.49
N ASN A 190 11.40 -11.27 7.47
CA ASN A 190 12.52 -12.20 7.31
C ASN A 190 12.03 -13.65 7.29
N SER A 191 10.95 -13.90 6.54
CA SER A 191 10.38 -15.24 6.39
C SER A 191 10.29 -15.57 4.90
N PRO A 192 11.44 -15.83 4.26
CA PRO A 192 11.40 -16.14 2.82
C PRO A 192 10.54 -17.35 2.48
N GLU A 193 10.50 -18.36 3.35
CA GLU A 193 9.68 -19.54 3.09
C GLU A 193 8.20 -19.17 3.02
N GLU A 194 7.74 -18.35 3.96
CA GLU A 194 6.35 -17.89 3.95
C GLU A 194 6.05 -17.05 2.73
N ALA A 195 6.98 -16.15 2.37
CA ALA A 195 6.80 -15.33 1.18
C ALA A 195 6.69 -16.18 -0.07
N ILE A 196 7.58 -17.15 -0.22
CA ILE A 196 7.58 -17.98 -1.42
C ILE A 196 6.32 -18.83 -1.48
N SER A 197 5.97 -19.47 -0.36
CA SER A 197 4.79 -20.33 -0.37
C SER A 197 3.51 -19.51 -0.57
N LEU A 198 3.44 -18.30 -0.01
CA LEU A 198 2.25 -17.50 -0.25
C LEU A 198 2.15 -17.06 -1.71
N ALA A 199 3.27 -16.62 -2.30
CA ALA A 199 3.23 -16.15 -3.67
C ALA A 199 2.96 -17.30 -4.64
N LYS A 200 3.54 -18.46 -4.38
CA LYS A 200 3.31 -19.60 -5.26
C LYS A 200 1.86 -20.08 -5.15
N THR A 201 1.36 -20.22 -3.92
CA THR A 201 -0.04 -20.61 -3.73
C THR A 201 -0.98 -19.64 -4.42
N THR A 202 -0.73 -18.33 -4.26
CA THR A 202 -1.59 -17.34 -4.89
C THR A 202 -1.57 -17.46 -6.40
N PHE A 203 -0.37 -17.57 -6.99
CA PHE A 203 -0.27 -17.70 -8.43
C PHE A 203 -0.96 -18.97 -8.92
N ASP A 204 -0.64 -20.11 -8.30
CA ASP A 204 -1.20 -21.38 -8.78
C ASP A 204 -2.72 -21.40 -8.64
N GLU A 205 -3.24 -20.80 -7.56
CA GLU A 205 -4.68 -20.85 -7.36
C GLU A 205 -5.40 -19.92 -8.31
N ALA A 206 -4.78 -18.79 -8.67
CA ALA A 206 -5.33 -17.95 -9.72
C ALA A 206 -5.34 -18.67 -11.06
N MET A 207 -4.28 -19.44 -11.33
CA MET A 207 -4.20 -20.11 -12.62
C MET A 207 -5.22 -21.25 -12.68
N ALA A 208 -5.34 -21.98 -11.58
CA ALA A 208 -6.29 -23.09 -11.53
C ALA A 208 -7.71 -22.60 -11.74
N ASP A 209 -8.04 -21.39 -11.30
CA ASP A 209 -9.38 -20.85 -11.49
C ASP A 209 -9.34 -19.62 -12.40
N LEU A 210 -8.58 -19.74 -13.50
CA LEU A 210 -8.37 -18.61 -14.41
C LEU A 210 -9.66 -18.13 -15.03
N HIS A 211 -10.64 -19.03 -15.21
CA HIS A 211 -11.94 -18.68 -15.76
C HIS A 211 -12.69 -17.63 -14.95
N THR A 212 -12.26 -17.33 -13.72
CA THR A 212 -12.95 -16.35 -12.88
C THR A 212 -12.46 -14.92 -13.17
N LEU A 213 -11.60 -14.75 -14.16
CA LEU A 213 -11.19 -13.39 -14.52
C LEU A 213 -12.42 -12.59 -14.91
N SER A 214 -12.43 -11.33 -14.52
CA SER A 214 -13.56 -10.44 -14.77
C SER A 214 -13.26 -9.56 -15.99
N GLU A 215 -14.27 -9.37 -16.85
CA GLU A 215 -14.11 -8.50 -18.01
C GLU A 215 -13.58 -7.11 -17.66
N ASP A 216 -13.98 -6.57 -16.52
CA ASP A 216 -13.62 -5.19 -16.22
C ASP A 216 -12.28 -5.05 -15.50
N SER A 217 -11.61 -6.14 -15.14
CA SER A 217 -10.39 -6.04 -14.36
C SER A 217 -9.32 -7.06 -14.73
N TYR A 218 -9.50 -7.82 -15.81
CA TYR A 218 -8.62 -8.95 -16.08
C TYR A 218 -7.20 -8.48 -16.37
N LYS A 219 -7.05 -7.28 -16.95
CA LYS A 219 -5.70 -6.79 -17.21
C LYS A 219 -4.96 -6.53 -15.90
N ASP A 220 -5.67 -6.05 -14.88
CA ASP A 220 -5.07 -5.87 -13.57
C ASP A 220 -4.69 -7.21 -12.95
N SER A 221 -5.61 -8.18 -13.00
CA SER A 221 -5.30 -9.50 -12.45
C SER A 221 -4.06 -10.08 -13.10
N THR A 222 -3.98 -10.05 -14.42
CA THR A 222 -2.87 -10.74 -15.06
C THR A 222 -1.56 -10.00 -14.83
N LEU A 223 -1.61 -8.69 -14.60
CA LEU A 223 -0.40 -7.97 -14.23
C LEU A 223 0.12 -8.44 -12.87
N ILE A 224 -0.74 -8.54 -11.86
CA ILE A 224 -0.28 -8.98 -10.56
C ILE A 224 0.23 -10.42 -10.63
N MET A 225 -0.45 -11.27 -11.41
CA MET A 225 0.02 -12.64 -11.55
C MET A 225 1.46 -12.67 -12.07
N GLN A 226 1.77 -11.82 -13.05
CA GLN A 226 3.13 -11.76 -13.56
C GLN A 226 4.10 -11.24 -12.50
N LEU A 227 3.65 -10.30 -11.65
CA LEU A 227 4.53 -9.78 -10.60
C LEU A 227 4.79 -10.84 -9.53
N LEU A 228 3.77 -11.65 -9.21
CA LEU A 228 4.02 -12.80 -8.35
C LEU A 228 5.09 -13.71 -8.92
N ARG A 229 5.03 -13.98 -10.23
CA ARG A 229 6.02 -14.86 -10.85
C ARG A 229 7.39 -14.21 -10.90
N ASP A 230 7.46 -12.88 -11.07
CA ASP A 230 8.74 -12.18 -11.02
C ASP A 230 9.39 -12.33 -9.66
N ASN A 231 8.62 -12.10 -8.59
CA ASN A 231 9.15 -12.27 -7.24
C ASN A 231 9.59 -13.72 -6.99
N LEU A 232 8.78 -14.69 -7.43
CA LEU A 232 9.17 -16.08 -7.25
C LEU A 232 10.47 -16.39 -7.97
N THR A 233 10.68 -15.79 -9.14
CA THR A 233 11.93 -16.02 -9.86
C THR A 233 13.09 -15.37 -9.13
N LEU A 234 12.88 -14.17 -8.59
CA LEU A 234 13.94 -13.49 -7.86
C LEU A 234 14.28 -14.22 -6.57
N TRP A 235 13.27 -14.79 -5.90
CA TRP A 235 13.48 -15.47 -4.62
C TRP A 235 13.96 -16.91 -4.77
N THR A 236 13.98 -17.47 -5.99
CA THR A 236 14.43 -18.83 -6.21
C THR A 236 15.57 -18.90 -7.22
N GLN B 1 18.49 -6.14 -5.64
CA GLN B 1 17.20 -5.89 -6.27
C GLN B 1 16.05 -6.12 -5.30
N ARG B 2 15.17 -5.13 -5.18
CA ARG B 2 14.07 -5.20 -4.23
C ARG B 2 12.95 -6.07 -4.77
N SER B 3 12.17 -6.63 -3.85
CA SER B 3 10.95 -7.31 -4.25
C SER B 3 9.98 -6.29 -4.84
N THR B 4 9.09 -6.78 -5.70
CA THR B 4 8.11 -5.90 -6.32
C THR B 4 6.76 -6.02 -5.65
N SEP B 5 6.21 -4.89 -5.26
CA SEP B 5 4.87 -4.84 -4.66
CB SEP B 5 4.84 -3.92 -3.42
OG SEP B 5 5.20 -2.60 -3.80
C SEP B 5 3.86 -4.36 -5.69
O SEP B 5 4.23 -4.04 -6.83
P SEP B 5 5.37 -1.59 -2.53
O1P SEP B 5 4.00 -1.53 -1.70
O2P SEP B 5 6.59 -2.09 -1.61
O3P SEP B 5 5.71 -0.21 -3.26
N THR B 6 2.59 -4.32 -5.31
CA THR B 6 1.56 -3.80 -6.21
C THR B 6 1.84 -2.38 -6.69
N PRO B 7 1.74 -2.16 -8.00
CA PRO B 7 2.01 -0.84 -8.58
C PRO B 7 0.76 0.03 -8.64
N ASN B 8 0.97 1.31 -9.01
CA ASN B 8 -0.15 2.18 -9.33
C ASN B 8 -0.66 1.94 -10.75
N VAL B 9 -1.98 2.00 -10.93
CA VAL B 9 -2.58 1.93 -12.26
C VAL B 9 -3.80 2.84 -12.34
N HIS B 10 -4.02 3.40 -13.53
CA HIS B 10 -5.28 4.08 -13.87
C HIS B 10 -5.69 5.24 -12.95
CL CL C . 18.09 18.48 7.71
MG MG D . 13.01 9.09 13.13
MG MG E . 37.40 9.23 9.76
MG MG F . -23.52 22.20 -0.63
O1 WQ9 G . -11.72 -0.82 -4.67
C1 WQ9 G . -11.43 -0.93 -5.85
C2 WQ9 G . -12.46 -1.41 -6.86
N1 WQ9 G . -10.22 -0.58 -6.31
C3 WQ9 G . -9.48 -1.05 -7.48
C4 WQ9 G . -8.27 -0.13 -7.36
C5 WQ9 G . -7.92 -0.07 -5.84
C6 WQ9 G . -6.75 0.93 -5.75
C7 WQ9 G . -5.53 0.05 -5.79
N2 WQ9 G . -6.01 -1.24 -5.26
S1 WQ9 G . -4.92 -2.44 -5.14
O2 WQ9 G . -5.64 -3.59 -4.67
O3 WQ9 G . -3.84 -1.92 -4.38
C8 WQ9 G . -4.32 -2.78 -6.77
C9 WQ9 G . -3.47 -1.89 -7.40
C10 WQ9 G . -2.99 -2.15 -8.67
C11 WQ9 G . -3.37 -3.30 -9.34
BR1 WQ9 G . -2.73 -3.68 -11.09
C12 WQ9 G . -4.23 -4.18 -8.69
F1 WQ9 G . -4.60 -5.30 -9.30
C13 WQ9 G . -4.71 -3.94 -7.42
C14 WQ9 G . -7.32 -1.48 -5.93
C15 WQ9 G . -9.36 0.43 -5.67
#